data_7K3D
#
_entry.id   7K3D
#
_cell.length_a   74.860
_cell.length_b   81.662
_cell.length_c   84.346
_cell.angle_alpha   90.000
_cell.angle_beta   90.000
_cell.angle_gamma   90.000
#
_symmetry.space_group_name_H-M   'P 21 21 21'
#
loop_
_entity.id
_entity.type
_entity.pdbx_description
1 polymer 'N-terminal Xaa-Pro-Lys N-methyltransferase 1'
2 non-polymer S-ADENOSYL-L-HOMOCYSTEINE
3 non-polymer N~2~-{(2S)-1-[(naphthalen-1-yl)acetyl]-2,5-dihydro-1H-pyrrole-2-carbonyl}-L-lysyl-L-argininamide
4 water water
#
_entity_poly.entity_id   1
_entity_poly.type   'polypeptide(L)'
_entity_poly.pdbx_seq_one_letter_code
;MGSSHHHHHHSSGLVPRGSTSEVIEDEKQFYSKAKTYWKQIPPTVDGMLGGYGHISSIDINSSRKFLQRFLREGPNKTGT
SCALDCGAGIGRITKRLLLPLFREVDMVDITEDFLVQAKTYLGEEGKRVRNYFCCGLQDFTPEPDSYDVIWIQWVIGHLT
DQHLAEFLRRCKGSLRPNGIIVIKDNMAQEGVILDDVDSSVCRDLDVVRRIICSAGLSLLAEERQENLPDEIYHVYSFAL
R
;
_entity_poly.pdbx_strand_id   B,A
#
# COMPACT_ATOMS: atom_id res chain seq x y z
N SER A 21 0.08 20.70 -11.14
CA SER A 21 -0.29 21.92 -11.85
C SER A 21 0.34 23.16 -11.19
N GLU A 22 0.40 23.14 -9.86
CA GLU A 22 0.77 24.33 -9.10
C GLU A 22 2.25 24.70 -9.25
N VAL A 23 3.14 23.71 -9.34
CA VAL A 23 4.57 23.98 -9.40
C VAL A 23 5.10 23.95 -10.83
N ILE A 24 4.21 23.85 -11.80
CA ILE A 24 4.58 23.84 -13.22
C ILE A 24 3.95 25.08 -13.84
N GLU A 25 4.77 26.09 -14.09
CA GLU A 25 4.26 27.38 -14.58
C GLU A 25 4.05 27.36 -16.08
N ASP A 26 5.02 26.83 -16.83
CA ASP A 26 4.96 26.81 -18.29
C ASP A 26 5.14 25.36 -18.74
N GLU A 27 4.05 24.75 -19.19
CA GLU A 27 4.09 23.35 -19.61
C GLU A 27 5.09 23.14 -20.74
N LYS A 28 5.11 24.05 -21.73
CA LYS A 28 6.00 23.86 -22.87
C LYS A 28 7.46 23.86 -22.44
N GLN A 29 7.85 24.78 -21.54
CA GLN A 29 9.22 24.77 -21.04
C GLN A 29 9.48 23.59 -20.13
N PHE A 30 8.49 23.18 -19.34
CA PHE A 30 8.68 22.04 -18.44
C PHE A 30 9.10 20.80 -19.23
N TYR A 31 8.38 20.49 -20.31
CA TYR A 31 8.75 19.35 -21.12
C TYR A 31 10.01 19.60 -21.93
N SER A 32 10.17 20.82 -22.46
CA SER A 32 11.34 21.10 -23.29
C SER A 32 12.63 21.02 -22.49
N LYS A 33 12.65 21.60 -21.29
CA LYS A 33 13.85 21.53 -20.45
C LYS A 33 14.19 20.09 -20.10
N ALA A 34 13.18 19.26 -19.77
CA ALA A 34 13.44 17.86 -19.42
C ALA A 34 14.04 17.09 -20.58
N LYS A 35 13.53 17.31 -21.79
CA LYS A 35 14.12 16.66 -22.95
C LYS A 35 15.56 17.08 -23.17
N THR A 36 15.85 18.38 -22.99
CA THR A 36 17.22 18.87 -23.12
C THR A 36 18.15 18.20 -22.10
N TYR A 37 17.66 18.02 -20.87
CA TYR A 37 18.50 17.43 -19.83
C TYR A 37 18.90 16.01 -20.18
N TRP A 38 17.94 15.19 -20.61
CA TRP A 38 18.25 13.78 -20.87
C TRP A 38 19.04 13.57 -22.15
N LYS A 39 18.99 14.53 -23.08
CA LYS A 39 19.85 14.45 -24.26
C LYS A 39 21.33 14.69 -23.92
N GLN A 40 21.62 15.21 -22.73
CA GLN A 40 22.98 15.47 -22.27
C GLN A 40 23.45 14.47 -21.22
N ILE A 41 22.74 13.37 -21.02
CA ILE A 41 23.12 12.35 -20.04
C ILE A 41 23.76 11.17 -20.76
N PRO A 42 24.88 10.64 -20.27
CA PRO A 42 25.48 9.47 -20.92
C PRO A 42 24.56 8.28 -20.83
N PRO A 43 24.57 7.41 -21.84
CA PRO A 43 23.64 6.26 -21.88
C PRO A 43 24.16 5.06 -21.09
N THR A 44 24.27 5.25 -19.78
CA THR A 44 24.75 4.21 -18.87
C THR A 44 23.78 4.04 -17.72
N VAL A 45 23.97 2.98 -16.96
CA VAL A 45 23.15 2.75 -15.77
C VAL A 45 23.31 3.91 -14.80
N ASP A 46 24.54 4.39 -14.64
CA ASP A 46 24.80 5.54 -13.77
C ASP A 46 24.08 6.79 -14.28
N GLY A 47 24.01 6.95 -15.61
CA GLY A 47 23.22 8.05 -16.16
C GLY A 47 21.75 7.89 -15.87
N MET A 48 21.23 6.68 -16.05
CA MET A 48 19.82 6.43 -15.73
C MET A 48 19.52 6.73 -14.26
N LEU A 49 20.40 6.32 -13.35
CA LEU A 49 20.14 6.40 -11.92
C LEU A 49 20.77 7.62 -11.25
N GLY A 50 21.12 8.66 -12.02
CA GLY A 50 21.61 9.91 -11.49
C GLY A 50 22.79 9.81 -10.54
N GLY A 51 23.79 9.02 -10.91
CA GLY A 51 24.94 8.82 -10.06
C GLY A 51 24.80 7.72 -9.05
N TYR A 52 23.66 7.02 -9.04
CA TYR A 52 23.43 5.92 -8.11
C TYR A 52 23.28 4.60 -8.87
N GLY A 53 24.14 4.36 -9.86
CA GLY A 53 24.04 3.13 -10.61
C GLY A 53 24.23 1.88 -9.77
N HIS A 54 24.91 2.01 -8.63
CA HIS A 54 25.20 0.89 -7.75
C HIS A 54 23.99 0.41 -6.94
N ILE A 55 22.96 1.24 -6.79
CA ILE A 55 21.76 0.77 -6.09
C ILE A 55 20.87 -0.07 -6.99
N SER A 56 21.26 -0.25 -8.25
CA SER A 56 20.39 -0.91 -9.23
C SER A 56 20.06 -2.33 -8.83
N SER A 57 21.04 -3.05 -8.27
CA SER A 57 20.81 -4.46 -7.92
C SER A 57 19.82 -4.58 -6.77
N ILE A 58 19.88 -3.65 -5.80
CA ILE A 58 18.90 -3.62 -4.72
C ILE A 58 17.52 -3.29 -5.25
N ASP A 59 17.43 -2.32 -6.17
CA ASP A 59 16.15 -1.95 -6.77
C ASP A 59 15.51 -3.13 -7.50
N ILE A 60 16.30 -3.83 -8.32
CA ILE A 60 15.77 -4.92 -9.14
C ILE A 60 15.33 -6.08 -8.26
N ASN A 61 16.18 -6.48 -7.30
CA ASN A 61 15.81 -7.57 -6.41
C ASN A 61 14.57 -7.24 -5.61
N SER A 62 14.44 -5.97 -5.22
CA SER A 62 13.23 -5.53 -4.53
C SER A 62 12.02 -5.55 -5.47
N SER A 63 12.17 -4.99 -6.67
CA SER A 63 11.06 -5.00 -7.63
C SER A 63 10.63 -6.42 -7.97
N ARG A 64 11.56 -7.38 -7.99
CA ARG A 64 11.19 -8.74 -8.36
C ARG A 64 10.26 -9.37 -7.33
N LYS A 65 10.59 -9.25 -6.05
CA LYS A 65 9.72 -9.83 -5.02
C LYS A 65 8.35 -9.18 -5.04
N PHE A 66 8.29 -7.87 -5.27
CA PHE A 66 7.02 -7.16 -5.34
C PHE A 66 6.18 -7.65 -6.51
N LEU A 67 6.81 -7.89 -7.65
CA LEU A 67 6.06 -8.30 -8.83
C LEU A 67 5.68 -9.78 -8.76
N GLN A 68 6.57 -10.62 -8.23
CA GLN A 68 6.30 -12.06 -8.18
C GLN A 68 5.10 -12.40 -7.33
N ARG A 69 4.75 -11.55 -6.36
CA ARG A 69 3.53 -11.78 -5.58
C ARG A 69 2.30 -11.84 -6.46
N PHE A 70 2.33 -11.14 -7.59
CA PHE A 70 1.18 -11.09 -8.50
C PHE A 70 1.29 -12.13 -9.61
N LEU A 71 2.49 -12.61 -9.93
CA LEU A 71 2.67 -13.63 -10.93
C LEU A 71 2.52 -15.03 -10.36
N ARG A 72 2.79 -15.22 -9.06
CA ARG A 72 2.83 -16.56 -8.47
C ARG A 72 1.75 -16.79 -7.41
N GLU A 73 1.15 -15.73 -6.87
CA GLU A 73 0.14 -15.83 -5.82
C GLU A 73 -1.23 -15.48 -6.36
N GLY A 74 -2.17 -16.43 -6.24
CA GLY A 74 -3.52 -16.33 -6.78
C GLY A 74 -4.42 -15.64 -5.77
N PRO A 75 -5.73 -15.59 -6.07
CA PRO A 75 -6.51 -16.28 -7.10
C PRO A 75 -6.44 -15.70 -8.51
N ASN A 76 -6.28 -14.38 -8.63
CA ASN A 76 -6.35 -13.71 -9.92
C ASN A 76 -4.94 -13.34 -10.37
N LYS A 77 -4.22 -14.37 -10.82
CA LYS A 77 -2.83 -14.20 -11.21
C LYS A 77 -2.66 -13.34 -12.45
N THR A 78 -1.57 -12.57 -12.46
CA THR A 78 -1.18 -11.77 -13.61
C THR A 78 -0.42 -12.63 -14.61
N GLY A 79 -0.68 -12.40 -15.90
CA GLY A 79 -0.01 -13.15 -16.96
C GLY A 79 1.48 -12.89 -17.02
N THR A 80 2.18 -13.69 -17.84
CA THR A 80 3.60 -13.51 -18.03
C THR A 80 3.99 -13.45 -19.51
N SER A 81 3.09 -12.97 -20.36
CA SER A 81 3.35 -12.98 -21.79
CA SER A 81 3.34 -12.98 -21.80
C SER A 81 3.95 -11.67 -22.30
N CYS A 82 3.34 -10.54 -21.95
CA CYS A 82 3.78 -9.25 -22.47
C CYS A 82 3.88 -8.21 -21.37
N ALA A 83 4.95 -7.42 -21.43
CA ALA A 83 5.16 -6.31 -20.51
C ALA A 83 5.59 -5.09 -21.30
N LEU A 84 5.26 -3.91 -20.76
CA LEU A 84 5.62 -2.63 -21.34
C LEU A 84 6.49 -1.89 -20.34
N ASP A 85 7.68 -1.47 -20.78
CA ASP A 85 8.61 -0.71 -19.94
C ASP A 85 8.51 0.76 -20.33
N CYS A 86 7.98 1.59 -19.43
CA CYS A 86 7.74 3.01 -19.70
C CYS A 86 8.86 3.85 -19.11
N GLY A 87 9.42 4.74 -19.93
CA GLY A 87 10.63 5.45 -19.54
C GLY A 87 11.82 4.51 -19.46
N ALA A 88 11.88 3.54 -20.36
CA ALA A 88 12.81 2.42 -20.24
C ALA A 88 14.27 2.82 -20.28
N GLY A 89 14.59 4.02 -20.79
CA GLY A 89 15.98 4.41 -20.94
C GLY A 89 16.71 3.42 -21.83
N ILE A 90 17.91 3.01 -21.40
CA ILE A 90 18.67 1.99 -22.12
C ILE A 90 18.22 0.57 -21.81
N GLY A 91 17.20 0.40 -20.97
CA GLY A 91 16.69 -0.92 -20.66
C GLY A 91 17.22 -1.54 -19.39
N ARG A 92 17.56 -0.74 -18.37
CA ARG A 92 18.08 -1.28 -17.12
C ARG A 92 17.09 -2.24 -16.48
N ILE A 93 15.81 -1.85 -16.41
CA ILE A 93 14.78 -2.72 -15.86
C ILE A 93 14.43 -3.83 -16.83
N THR A 94 14.39 -3.52 -18.14
CA THR A 94 14.03 -4.53 -19.13
C THR A 94 14.96 -5.72 -19.08
N LYS A 95 16.27 -5.48 -18.92
CA LYS A 95 17.23 -6.57 -18.97
C LYS A 95 17.13 -7.46 -17.72
N ARG A 96 17.07 -6.86 -16.54
CA ARG A 96 17.19 -7.63 -15.31
C ARG A 96 15.85 -7.96 -14.65
N LEU A 97 14.79 -7.19 -14.91
CA LEU A 97 13.50 -7.50 -14.31
C LEU A 97 12.51 -8.13 -15.27
N LEU A 98 12.27 -7.49 -16.42
CA LEU A 98 11.14 -7.87 -17.27
C LEU A 98 11.46 -9.05 -18.17
N LEU A 99 12.51 -8.95 -18.97
CA LEU A 99 12.85 -10.04 -19.89
C LEU A 99 13.00 -11.41 -19.23
N PRO A 100 13.58 -11.57 -18.04
CA PRO A 100 13.63 -12.91 -17.43
C PRO A 100 12.29 -13.44 -16.98
N LEU A 101 11.26 -12.58 -16.84
CA LEU A 101 9.94 -13.03 -16.41
C LEU A 101 8.88 -13.00 -17.50
N PHE A 102 9.11 -12.28 -18.60
CA PHE A 102 8.11 -12.13 -19.64
C PHE A 102 8.66 -12.60 -20.99
N ARG A 103 7.81 -13.28 -21.76
CA ARG A 103 8.22 -13.72 -23.09
C ARG A 103 8.53 -12.53 -23.99
N GLU A 104 7.70 -11.49 -23.94
CA GLU A 104 7.90 -10.31 -24.76
C GLU A 104 7.88 -9.04 -23.91
N VAL A 105 8.60 -8.03 -24.40
CA VAL A 105 8.70 -6.73 -23.75
C VAL A 105 8.70 -5.64 -24.81
N ASP A 106 7.93 -4.58 -24.57
CA ASP A 106 7.99 -3.35 -25.33
C ASP A 106 8.64 -2.26 -24.48
N MET A 107 9.33 -1.31 -25.15
CA MET A 107 9.96 -0.19 -24.48
C MET A 107 9.52 1.13 -25.10
N VAL A 108 9.39 2.15 -24.27
CA VAL A 108 9.05 3.50 -24.73
C VAL A 108 9.90 4.50 -23.95
N ASP A 109 10.48 5.47 -24.67
CA ASP A 109 11.33 6.47 -24.05
C ASP A 109 11.39 7.70 -24.95
N ILE A 110 11.54 8.87 -24.34
CA ILE A 110 11.57 10.11 -25.11
C ILE A 110 12.94 10.38 -25.71
N THR A 111 13.99 9.73 -25.21
CA THR A 111 15.36 10.04 -25.59
C THR A 111 15.83 8.98 -26.58
N GLU A 112 15.96 9.39 -27.85
CA GLU A 112 16.23 8.44 -28.92
C GLU A 112 17.56 7.72 -28.72
N ASP A 113 18.58 8.44 -28.24
CA ASP A 113 19.90 7.82 -28.05
C ASP A 113 19.85 6.67 -27.07
N PHE A 114 18.94 6.70 -26.10
CA PHE A 114 18.84 5.62 -25.13
C PHE A 114 18.27 4.36 -25.76
N LEU A 115 17.27 4.49 -26.63
CA LEU A 115 16.74 3.33 -27.33
C LEU A 115 17.74 2.75 -28.31
N VAL A 116 18.54 3.61 -28.95
CA VAL A 116 19.62 3.12 -29.79
C VAL A 116 20.59 2.27 -28.98
N GLN A 117 21.03 2.81 -27.83
CA GLN A 117 21.99 2.09 -26.98
C GLN A 117 21.40 0.80 -26.43
N ALA A 118 20.09 0.76 -26.18
CA ALA A 118 19.48 -0.41 -25.58
C ALA A 118 19.79 -1.69 -26.36
N LYS A 119 19.80 -1.60 -27.69
CA LYS A 119 20.01 -2.81 -28.50
C LYS A 119 21.36 -3.44 -28.22
N THR A 120 22.34 -2.64 -27.81
CA THR A 120 23.60 -3.21 -27.37
C THR A 120 23.52 -3.68 -25.92
N TYR A 121 22.98 -2.83 -25.05
CA TYR A 121 22.95 -3.12 -23.61
C TYR A 121 22.18 -4.40 -23.32
N LEU A 122 21.06 -4.63 -24.02
CA LEU A 122 20.24 -5.79 -23.72
C LEU A 122 20.94 -7.10 -24.07
N GLY A 123 21.80 -7.09 -25.08
CA GLY A 123 22.54 -8.29 -25.42
C GLY A 123 21.69 -9.30 -26.17
N GLU A 124 21.82 -10.58 -25.83
CA GLU A 124 21.14 -11.62 -26.59
C GLU A 124 19.67 -11.71 -26.25
N GLU A 125 19.29 -11.39 -25.01
CA GLU A 125 17.87 -11.47 -24.65
C GLU A 125 17.06 -10.29 -25.19
N GLY A 126 17.73 -9.23 -25.66
CA GLY A 126 17.06 -8.13 -26.32
C GLY A 126 16.38 -8.48 -27.63
N LYS A 127 16.67 -9.67 -28.19
CA LYS A 127 15.92 -10.09 -29.37
C LYS A 127 14.43 -10.23 -29.07
N ARG A 128 14.06 -10.50 -27.82
CA ARG A 128 12.67 -10.63 -27.41
C ARG A 128 12.02 -9.29 -27.05
N VAL A 129 12.67 -8.18 -27.36
CA VAL A 129 12.03 -6.87 -27.30
C VAL A 129 11.41 -6.64 -28.68
N ARG A 130 10.09 -6.59 -28.75
CA ARG A 130 9.43 -6.54 -30.05
C ARG A 130 9.29 -5.11 -30.58
N ASN A 131 8.98 -4.14 -29.74
CA ASN A 131 8.71 -2.80 -30.22
C ASN A 131 9.44 -1.77 -29.36
N TYR A 132 10.14 -0.87 -30.05
CA TYR A 132 10.75 0.31 -29.46
C TYR A 132 9.91 1.51 -29.87
N PHE A 133 9.58 2.37 -28.91
CA PHE A 133 8.78 3.55 -29.19
C PHE A 133 9.51 4.76 -28.65
N CYS A 134 9.82 5.71 -29.53
CA CYS A 134 10.45 6.95 -29.10
C CYS A 134 9.43 8.07 -29.18
N CYS A 135 8.95 8.49 -28.01
CA CYS A 135 8.02 9.59 -27.80
C CYS A 135 7.78 9.70 -26.30
N GLY A 136 7.28 10.86 -25.88
CA GLY A 136 6.97 11.05 -24.48
C GLY A 136 5.75 10.25 -24.08
N LEU A 137 5.68 9.91 -22.79
CA LEU A 137 4.49 9.25 -22.27
C LEU A 137 3.23 10.06 -22.53
N GLN A 138 3.34 11.39 -22.52
CA GLN A 138 2.18 12.24 -22.78
C GLN A 138 1.63 12.06 -24.19
N ASP A 139 2.39 11.43 -25.10
CA ASP A 139 1.94 11.19 -26.46
C ASP A 139 1.68 9.71 -26.75
N PHE A 140 1.91 8.82 -25.79
CA PHE A 140 1.94 7.38 -26.03
C PHE A 140 0.62 6.71 -25.64
N THR A 141 0.07 5.91 -26.55
CA THR A 141 -1.14 5.13 -26.30
C THR A 141 -0.85 3.65 -26.44
N PRO A 142 -0.65 2.92 -25.35
CA PRO A 142 -0.38 1.49 -25.47
C PRO A 142 -1.59 0.74 -26.00
N GLU A 143 -1.31 -0.32 -26.77
CA GLU A 143 -2.35 -1.00 -27.50
C GLU A 143 -3.34 -1.68 -26.55
N PRO A 144 -4.63 -1.57 -26.81
CA PRO A 144 -5.62 -2.13 -25.88
C PRO A 144 -5.49 -3.65 -25.72
N ASP A 145 -5.71 -4.09 -24.48
CA ASP A 145 -5.78 -5.52 -24.13
C ASP A 145 -4.53 -6.28 -24.58
N SER A 146 -3.37 -5.64 -24.43
CA SER A 146 -2.13 -6.15 -24.99
C SER A 146 -1.07 -6.54 -23.97
N TYR A 147 -1.10 -6.00 -22.75
CA TYR A 147 -0.02 -6.17 -21.81
C TYR A 147 -0.52 -6.78 -20.50
N ASP A 148 0.30 -7.64 -19.93
CA ASP A 148 0.05 -8.14 -18.57
C ASP A 148 0.53 -7.16 -17.51
N VAL A 149 1.72 -6.59 -17.69
CA VAL A 149 2.30 -5.67 -16.73
C VAL A 149 2.83 -4.46 -17.48
N ILE A 150 2.43 -3.26 -17.04
CA ILE A 150 2.98 -2.00 -17.52
C ILE A 150 3.83 -1.44 -16.39
N TRP A 151 5.15 -1.37 -16.61
CA TRP A 151 6.10 -0.96 -15.59
C TRP A 151 6.52 0.48 -15.82
N ILE A 152 6.28 1.34 -14.83
CA ILE A 152 6.49 2.78 -14.93
C ILE A 152 7.37 3.15 -13.74
N GLN A 153 8.66 3.38 -13.96
CA GLN A 153 9.58 3.64 -12.86
C GLN A 153 10.41 4.89 -13.10
N TRP A 154 10.41 5.78 -12.07
CA TRP A 154 11.20 7.01 -12.06
C TRP A 154 11.01 7.85 -13.32
N VAL A 155 9.75 8.00 -13.73
CA VAL A 155 9.45 8.83 -14.89
C VAL A 155 8.20 9.68 -14.69
N ILE A 156 7.36 9.32 -13.71
CA ILE A 156 6.09 10.00 -13.56
C ILE A 156 6.29 11.47 -13.19
N GLY A 157 7.39 11.79 -12.50
CA GLY A 157 7.68 13.17 -12.15
C GLY A 157 7.93 14.07 -13.34
N HIS A 158 8.17 13.50 -14.52
CA HIS A 158 8.36 14.28 -15.73
C HIS A 158 7.05 14.62 -16.45
N LEU A 159 5.90 14.21 -15.91
CA LEU A 159 4.60 14.48 -16.51
C LEU A 159 3.80 15.44 -15.64
N THR A 160 2.98 16.26 -16.28
CA THR A 160 2.01 17.06 -15.55
C THR A 160 0.95 16.14 -14.94
N ASP A 161 0.24 16.66 -13.93
CA ASP A 161 -0.77 15.85 -13.26
C ASP A 161 -1.85 15.40 -14.23
N GLN A 162 -2.27 16.27 -15.16
CA GLN A 162 -3.28 15.90 -16.13
C GLN A 162 -2.76 14.84 -17.10
N HIS A 163 -1.52 15.00 -17.58
CA HIS A 163 -0.98 14.04 -18.52
C HIS A 163 -0.73 12.68 -17.87
N LEU A 164 -0.26 12.68 -16.62
CA LEU A 164 -0.11 11.44 -15.90
C LEU A 164 -1.44 10.72 -15.74
N ALA A 165 -2.49 11.47 -15.37
CA ALA A 165 -3.80 10.86 -15.17
C ALA A 165 -4.34 10.25 -16.47
N GLU A 166 -4.20 10.98 -17.59
CA GLU A 166 -4.74 10.47 -18.84
C GLU A 166 -3.89 9.32 -19.38
N PHE A 167 -2.57 9.38 -19.18
CA PHE A 167 -1.71 8.26 -19.56
C PHE A 167 -2.07 7.00 -18.78
N LEU A 168 -2.31 7.14 -17.47
CA LEU A 168 -2.64 5.98 -16.66
C LEU A 168 -3.99 5.39 -17.06
N ARG A 169 -4.96 6.24 -17.41
CA ARG A 169 -6.24 5.73 -17.88
C ARG A 169 -6.07 5.02 -19.21
N ARG A 170 -5.21 5.55 -20.09
CA ARG A 170 -4.89 4.85 -21.33
C ARG A 170 -4.20 3.52 -21.04
N CYS A 171 -3.41 3.46 -19.96
CA CYS A 171 -2.82 2.20 -19.55
C CYS A 171 -3.87 1.20 -19.09
N LYS A 172 -4.94 1.69 -18.44
CA LYS A 172 -5.97 0.78 -17.96
C LYS A 172 -6.61 0.01 -19.12
N GLY A 173 -6.92 0.70 -20.22
CA GLY A 173 -7.51 0.04 -21.38
C GLY A 173 -6.55 -0.90 -22.09
N SER A 174 -5.25 -0.74 -21.86
CA SER A 174 -4.22 -1.55 -22.50
C SER A 174 -3.95 -2.87 -21.78
N LEU A 175 -4.54 -3.09 -20.61
CA LEU A 175 -4.23 -4.27 -19.81
C LEU A 175 -4.97 -5.51 -20.28
N ARG A 176 -4.27 -6.65 -20.22
CA ARG A 176 -4.83 -7.98 -20.35
C ARG A 176 -5.59 -8.34 -19.08
N PRO A 177 -6.44 -9.37 -19.11
CA PRO A 177 -7.16 -9.75 -17.89
C PRO A 177 -6.20 -10.02 -16.74
N ASN A 178 -6.57 -9.52 -15.56
CA ASN A 178 -5.76 -9.58 -14.34
C ASN A 178 -4.44 -8.82 -14.46
N GLY A 179 -4.28 -8.01 -15.49
CA GLY A 179 -3.05 -7.25 -15.62
C GLY A 179 -2.95 -6.17 -14.57
N ILE A 180 -1.73 -5.68 -14.36
CA ILE A 180 -1.48 -4.63 -13.38
C ILE A 180 -0.55 -3.56 -13.96
N ILE A 181 -0.71 -2.35 -13.43
CA ILE A 181 0.23 -1.25 -13.67
C ILE A 181 1.08 -1.10 -12.42
N VAL A 182 2.39 -1.06 -12.59
CA VAL A 182 3.30 -0.87 -11.47
C VAL A 182 3.99 0.47 -11.63
N ILE A 183 3.79 1.35 -10.64
CA ILE A 183 4.50 2.61 -10.53
C ILE A 183 5.49 2.46 -9.37
N LYS A 184 6.77 2.64 -9.66
CA LYS A 184 7.80 2.70 -8.63
C LYS A 184 8.55 4.01 -8.82
N ASP A 185 8.51 4.88 -7.81
CA ASP A 185 9.04 6.21 -8.02
C ASP A 185 9.36 6.89 -6.69
N ASN A 186 10.00 8.05 -6.80
CA ASN A 186 10.28 8.86 -5.62
C ASN A 186 8.99 9.50 -5.11
N MET A 187 8.86 9.57 -3.80
CA MET A 187 7.70 10.17 -3.15
C MET A 187 8.18 11.14 -2.09
N ALA A 188 7.63 12.35 -2.10
CA ALA A 188 7.95 13.31 -1.06
C ALA A 188 7.24 12.95 0.24
N GLN A 189 7.88 13.30 1.36
CA GLN A 189 7.23 13.09 2.65
C GLN A 189 5.95 13.91 2.76
N GLU A 190 5.96 15.14 2.24
CA GLU A 190 4.81 16.00 2.32
C GLU A 190 4.85 16.94 1.12
N GLY A 191 3.71 17.13 0.48
CA GLY A 191 3.61 18.12 -0.58
C GLY A 191 4.24 17.72 -1.90
N VAL A 192 4.62 18.74 -2.67
CA VAL A 192 5.18 18.58 -4.01
C VAL A 192 6.41 19.47 -4.14
N ILE A 193 7.48 18.92 -4.71
CA ILE A 193 8.76 19.61 -4.84
C ILE A 193 9.14 19.66 -6.31
N LEU A 194 9.29 20.88 -6.84
CA LEU A 194 9.81 21.05 -8.19
C LEU A 194 11.32 20.87 -8.22
N ASP A 195 11.81 20.11 -9.19
CA ASP A 195 13.23 20.07 -9.54
C ASP A 195 13.40 20.89 -10.81
N ASP A 196 14.01 22.06 -10.68
CA ASP A 196 14.19 22.96 -11.81
C ASP A 196 15.43 22.66 -12.63
N VAL A 197 16.24 21.69 -12.22
CA VAL A 197 17.44 21.33 -12.99
C VAL A 197 17.08 20.36 -14.12
N ASP A 198 16.56 19.18 -13.76
CA ASP A 198 16.16 18.21 -14.78
C ASP A 198 14.70 18.34 -15.18
N SER A 199 13.98 19.33 -14.64
CA SER A 199 12.60 19.65 -15.01
C SER A 199 11.66 18.50 -14.70
N SER A 200 11.57 18.17 -13.41
CA SER A 200 10.72 17.11 -12.91
C SER A 200 10.16 17.52 -11.56
N VAL A 201 9.06 16.87 -11.17
CA VAL A 201 8.43 17.14 -9.89
C VAL A 201 8.43 15.86 -9.05
N CYS A 202 8.57 16.04 -7.75
CA CYS A 202 8.44 14.96 -6.78
C CYS A 202 7.16 15.19 -5.98
N ARG A 203 6.28 14.19 -5.95
CA ARG A 203 4.97 14.30 -5.31
C ARG A 203 4.92 13.46 -4.05
N ASP A 204 4.04 13.84 -3.11
CA ASP A 204 3.84 12.97 -1.96
C ASP A 204 2.80 11.90 -2.28
N LEU A 205 2.64 10.95 -1.36
CA LEU A 205 1.76 9.81 -1.59
C LEU A 205 0.34 10.25 -1.90
N ASP A 206 -0.16 11.25 -1.18
CA ASP A 206 -1.56 11.66 -1.34
C ASP A 206 -1.81 12.27 -2.72
N VAL A 207 -0.86 13.05 -3.24
CA VAL A 207 -1.06 13.66 -4.54
C VAL A 207 -1.08 12.60 -5.64
N VAL A 208 -0.16 11.64 -5.58
CA VAL A 208 -0.13 10.57 -6.58
C VAL A 208 -1.40 9.72 -6.46
N ARG A 209 -1.84 9.44 -5.23
CA ARG A 209 -3.03 8.63 -5.04
C ARG A 209 -4.26 9.32 -5.65
N ARG A 210 -4.30 10.65 -5.62
CA ARG A 210 -5.38 11.37 -6.28
CA ARG A 210 -5.39 11.37 -6.28
C ARG A 210 -5.31 11.20 -7.79
N ILE A 211 -4.11 11.24 -8.37
CA ILE A 211 -3.97 11.08 -9.81
C ILE A 211 -4.36 9.66 -10.23
N ILE A 212 -3.99 8.66 -9.43
CA ILE A 212 -4.32 7.26 -9.75
C ILE A 212 -5.83 7.07 -9.78
N CYS A 213 -6.52 7.61 -8.76
CA CYS A 213 -7.97 7.49 -8.69
CA CYS A 213 -7.97 7.47 -8.71
C CYS A 213 -8.65 8.30 -9.79
N SER A 214 -8.08 9.45 -10.15
CA SER A 214 -8.62 10.22 -11.27
C SER A 214 -8.53 9.43 -12.58
N ALA A 215 -7.54 8.54 -12.68
CA ALA A 215 -7.41 7.64 -13.83
C ALA A 215 -8.35 6.45 -13.75
N GLY A 216 -9.11 6.31 -12.65
CA GLY A 216 -10.03 5.20 -12.51
C GLY A 216 -9.40 3.88 -12.11
N LEU A 217 -8.20 3.91 -11.54
CA LEU A 217 -7.51 2.69 -11.16
C LEU A 217 -7.66 2.44 -9.67
N SER A 218 -7.64 1.17 -9.30
CA SER A 218 -7.71 0.76 -7.90
CA SER A 218 -7.71 0.76 -7.90
C SER A 218 -6.32 0.38 -7.40
N LEU A 219 -6.11 0.56 -6.10
CA LEU A 219 -4.85 0.20 -5.47
C LEU A 219 -4.89 -1.24 -4.98
N LEU A 220 -3.91 -2.03 -5.40
CA LEU A 220 -3.79 -3.40 -4.95
C LEU A 220 -2.73 -3.58 -3.87
N ALA A 221 -1.59 -2.88 -4.01
CA ALA A 221 -0.51 -2.99 -3.04
C ALA A 221 0.39 -1.77 -3.11
N GLU A 222 0.96 -1.42 -1.95
CA GLU A 222 1.98 -0.38 -1.86
C GLU A 222 3.11 -0.90 -0.99
N GLU A 223 4.33 -0.45 -1.28
CA GLU A 223 5.48 -0.92 -0.52
C GLU A 223 6.58 0.11 -0.59
N ARG A 224 7.15 0.44 0.57
CA ARG A 224 8.27 1.37 0.63
C ARG A 224 9.57 0.61 0.46
N GLN A 225 10.42 1.10 -0.42
CA GLN A 225 11.70 0.46 -0.70
C GLN A 225 12.65 0.68 0.48
N GLU A 226 13.30 -0.39 0.92
CA GLU A 226 14.27 -0.30 2.00
C GLU A 226 15.68 -0.46 1.44
N ASN A 227 16.66 -0.27 2.32
CA ASN A 227 18.08 -0.43 1.98
C ASN A 227 18.55 0.59 0.96
N LEU A 228 17.98 1.78 0.98
CA LEU A 228 18.46 2.84 0.10
C LEU A 228 19.29 3.84 0.87
N PRO A 229 20.13 4.63 0.18
CA PRO A 229 20.94 5.63 0.86
C PRO A 229 20.08 6.62 1.63
N ASP A 230 20.62 7.10 2.75
CA ASP A 230 19.85 7.94 3.67
C ASP A 230 19.43 9.26 3.03
N GLU A 231 20.28 9.83 2.17
CA GLU A 231 20.07 11.19 1.67
C GLU A 231 19.01 11.29 0.58
N ILE A 232 18.57 10.18 -0.01
CA ILE A 232 17.72 10.26 -1.20
C ILE A 232 16.26 10.25 -0.81
N TYR A 233 15.41 10.61 -1.77
CA TYR A 233 13.96 10.58 -1.54
C TYR A 233 13.49 9.16 -1.30
N HIS A 234 12.41 9.05 -0.54
CA HIS A 234 11.76 7.75 -0.34
C HIS A 234 11.23 7.22 -1.67
N VAL A 235 11.32 5.91 -1.85
CA VAL A 235 10.85 5.24 -3.05
C VAL A 235 9.73 4.27 -2.65
N TYR A 236 8.61 4.33 -3.39
CA TYR A 236 7.46 3.48 -3.16
C TYR A 236 7.06 2.78 -4.45
N SER A 237 6.48 1.59 -4.30
CA SER A 237 5.95 0.81 -5.42
C SER A 237 4.44 0.71 -5.28
N PHE A 238 3.71 0.99 -6.36
CA PHE A 238 2.26 0.87 -6.41
C PHE A 238 1.89 -0.15 -7.47
N ALA A 239 0.99 -1.07 -7.12
CA ALA A 239 0.41 -2.02 -8.06
C ALA A 239 -1.06 -1.65 -8.27
N LEU A 240 -1.43 -1.38 -9.53
CA LEU A 240 -2.72 -0.80 -9.87
C LEU A 240 -3.42 -1.64 -10.93
N ARG A 241 -4.75 -1.51 -10.97
CA ARG A 241 -5.53 -2.02 -12.12
C ARG A 241 -6.95 -1.44 -12.14
N SER B 21 -17.08 12.93 11.25
CA SER B 21 -17.61 14.17 11.81
C SER B 21 -18.83 14.69 11.05
N GLU B 22 -18.79 14.62 9.72
CA GLU B 22 -19.94 15.08 8.93
C GLU B 22 -21.11 14.11 9.06
N VAL B 23 -20.83 12.81 9.17
CA VAL B 23 -21.85 11.78 9.25
C VAL B 23 -22.17 11.36 10.68
N ILE B 24 -21.58 12.02 11.68
CA ILE B 24 -21.80 11.70 13.09
C ILE B 24 -22.32 12.96 13.77
N GLU B 25 -23.63 12.99 14.05
CA GLU B 25 -24.30 14.17 14.57
C GLU B 25 -24.18 14.28 16.09
N ASP B 26 -24.42 13.17 16.80
CA ASP B 26 -24.41 13.14 18.27
C ASP B 26 -23.34 12.13 18.67
N GLU B 27 -22.20 12.65 19.13
CA GLU B 27 -21.07 11.81 19.47
C GLU B 27 -21.42 10.78 20.54
N LYS B 28 -22.10 11.23 21.59
CA LYS B 28 -22.44 10.34 22.69
C LYS B 28 -23.36 9.21 22.25
N GLN B 29 -24.37 9.53 21.41
CA GLN B 29 -25.25 8.50 20.89
C GLN B 29 -24.53 7.59 19.91
N PHE B 30 -23.60 8.15 19.12
CA PHE B 30 -22.81 7.35 18.20
C PHE B 30 -22.10 6.22 18.94
N TYR B 31 -21.43 6.55 20.04
CA TYR B 31 -20.77 5.55 20.86
C TYR B 31 -21.77 4.72 21.65
N SER B 32 -22.83 5.35 22.16
CA SER B 32 -23.79 4.65 22.99
C SER B 32 -24.52 3.57 22.19
N LYS B 33 -24.95 3.90 20.98
CA LYS B 33 -25.61 2.92 20.13
C LYS B 33 -24.70 1.74 19.82
N ALA B 34 -23.43 2.02 19.51
CA ALA B 34 -22.47 0.97 19.18
C ALA B 34 -22.26 0.03 20.35
N LYS B 35 -22.19 0.58 21.57
CA LYS B 35 -22.07 -0.25 22.76
C LYS B 35 -23.28 -1.14 22.94
N THR B 36 -24.48 -0.58 22.73
CA THR B 36 -25.70 -1.36 22.81
C THR B 36 -25.70 -2.49 21.79
N TYR B 37 -25.22 -2.20 20.57
CA TYR B 37 -25.24 -3.21 19.50
C TYR B 37 -24.37 -4.41 19.85
N TRP B 38 -23.13 -4.17 20.29
CA TRP B 38 -22.22 -5.29 20.52
C TRP B 38 -22.58 -6.06 21.78
N LYS B 39 -23.32 -5.46 22.71
CA LYS B 39 -23.79 -6.19 23.88
C LYS B 39 -24.86 -7.24 23.56
N GLN B 40 -25.49 -7.16 22.38
CA GLN B 40 -26.49 -8.15 21.98
C GLN B 40 -25.99 -9.09 20.88
N ILE B 41 -24.70 -9.11 20.60
CA ILE B 41 -24.12 -10.01 19.59
C ILE B 41 -23.53 -11.20 20.34
N PRO B 42 -23.80 -12.43 19.90
CA PRO B 42 -23.21 -13.59 20.57
C PRO B 42 -21.70 -13.60 20.47
N PRO B 43 -21.01 -14.10 21.50
CA PRO B 43 -19.53 -14.07 21.55
C PRO B 43 -18.88 -15.23 20.80
N THR B 44 -19.06 -15.25 19.48
CA THR B 44 -18.52 -16.28 18.60
C THR B 44 -17.78 -15.62 17.46
N VAL B 45 -17.05 -16.43 16.68
CA VAL B 45 -16.36 -15.90 15.50
C VAL B 45 -17.35 -15.29 14.52
N ASP B 46 -18.48 -15.96 14.31
CA ASP B 46 -19.50 -15.44 13.40
C ASP B 46 -20.04 -14.10 13.89
N GLY B 47 -20.17 -13.94 15.21
CA GLY B 47 -20.56 -12.65 15.75
C GLY B 47 -19.51 -11.57 15.50
N MET B 48 -18.24 -11.92 15.70
CA MET B 48 -17.16 -10.98 15.45
C MET B 48 -17.17 -10.50 14.00
N LEU B 49 -17.39 -11.42 13.06
CA LEU B 49 -17.27 -11.13 11.63
C LEU B 49 -18.62 -10.82 11.00
N GLY B 50 -19.60 -10.42 11.80
CA GLY B 50 -20.90 -10.00 11.29
C GLY B 50 -21.58 -10.99 10.36
N GLY B 51 -21.59 -12.27 10.74
CA GLY B 51 -22.20 -13.30 9.93
C GLY B 51 -21.29 -13.96 8.90
N TYR B 52 -20.02 -13.57 8.83
CA TYR B 52 -19.08 -14.15 7.87
C TYR B 52 -17.95 -14.88 8.58
N GLY B 53 -18.28 -15.72 9.56
CA GLY B 53 -17.25 -16.43 10.31
C GLY B 53 -16.36 -17.33 9.47
N HIS B 54 -16.84 -17.73 8.29
CA HIS B 54 -16.08 -18.65 7.44
C HIS B 54 -14.89 -18.00 6.73
N ILE B 55 -14.85 -16.67 6.61
CA ILE B 55 -13.70 -16.03 5.97
C ILE B 55 -12.52 -15.86 6.91
N SER B 56 -12.63 -16.32 8.15
CA SER B 56 -11.58 -16.04 9.14
C SER B 56 -10.25 -16.65 8.72
N SER B 57 -10.27 -17.88 8.19
CA SER B 57 -9.03 -18.54 7.80
CA SER B 57 -9.01 -18.52 7.83
C SER B 57 -8.35 -17.83 6.64
N ILE B 58 -9.14 -17.26 5.72
CA ILE B 58 -8.56 -16.48 4.63
C ILE B 58 -7.97 -15.19 5.17
N ASP B 59 -8.71 -14.51 6.04
CA ASP B 59 -8.23 -13.29 6.65
C ASP B 59 -6.95 -13.54 7.46
N ILE B 60 -6.95 -14.57 8.30
CA ILE B 60 -5.79 -14.82 9.15
C ILE B 60 -4.58 -15.21 8.32
N ASN B 61 -4.77 -16.11 7.34
CA ASN B 61 -3.63 -16.54 6.53
C ASN B 61 -3.05 -15.37 5.74
N SER B 62 -3.91 -14.48 5.25
CA SER B 62 -3.42 -13.31 4.53
C SER B 62 -2.69 -12.35 5.48
N SER B 63 -3.29 -12.06 6.63
CA SER B 63 -2.64 -11.18 7.58
C SER B 63 -1.28 -11.73 8.02
N ARG B 64 -1.17 -13.06 8.11
CA ARG B 64 0.08 -13.67 8.57
C ARG B 64 1.19 -13.42 7.56
N LYS B 65 0.91 -13.61 6.27
CA LYS B 65 1.93 -13.36 5.26
C LYS B 65 2.34 -11.89 5.26
N PHE B 66 1.37 -10.99 5.42
CA PHE B 66 1.64 -9.56 5.45
C PHE B 66 2.52 -9.18 6.65
N LEU B 67 2.26 -9.80 7.80
CA LEU B 67 3.00 -9.46 9.02
C LEU B 67 4.41 -10.05 9.04
N GLN B 68 4.59 -11.27 8.53
CA GLN B 68 5.90 -11.92 8.60
C GLN B 68 6.97 -11.15 7.83
N ARG B 69 6.57 -10.34 6.84
CA ARG B 69 7.54 -9.53 6.11
C ARG B 69 8.26 -8.55 7.02
N PHE B 70 7.62 -8.14 8.12
CA PHE B 70 8.22 -7.19 9.05
C PHE B 70 8.92 -7.87 10.22
N LEU B 71 8.57 -9.10 10.53
CA LEU B 71 9.20 -9.79 11.66
C LEU B 71 10.49 -10.49 11.29
N ARG B 72 10.68 -10.83 10.01
CA ARG B 72 11.73 -11.75 9.61
C ARG B 72 12.81 -11.22 8.65
N GLU B 73 12.65 -10.06 8.00
CA GLU B 73 13.57 -9.73 6.92
C GLU B 73 14.78 -8.88 7.30
N GLY B 74 14.53 -7.66 7.75
CA GLY B 74 15.55 -6.65 7.93
C GLY B 74 15.45 -5.67 6.79
N PRO B 75 16.16 -4.54 6.86
CA PRO B 75 17.27 -4.15 7.75
C PRO B 75 16.83 -3.87 9.19
N ASN B 76 15.64 -3.31 9.38
CA ASN B 76 15.14 -2.98 10.72
C ASN B 76 13.92 -3.87 11.01
N LYS B 77 14.19 -5.10 11.42
CA LYS B 77 13.15 -6.06 11.74
C LYS B 77 12.36 -5.64 12.99
N THR B 78 11.07 -5.95 12.98
CA THR B 78 10.21 -5.70 14.12
C THR B 78 10.38 -6.80 15.16
N GLY B 79 10.34 -6.41 16.43
CA GLY B 79 10.45 -7.37 17.51
C GLY B 79 9.27 -8.32 17.55
N THR B 80 9.43 -9.37 18.35
CA THR B 80 8.40 -10.40 18.53
C THR B 80 8.08 -10.60 20.01
N SER B 81 8.25 -9.55 20.81
CA SER B 81 8.07 -9.64 22.26
C SER B 81 6.62 -9.39 22.68
N CYS B 82 6.07 -8.23 22.34
CA CYS B 82 4.72 -7.93 22.80
C CYS B 82 3.91 -7.23 21.71
N ALA B 83 2.64 -7.59 21.61
CA ALA B 83 1.73 -7.01 20.65
C ALA B 83 0.43 -6.62 21.33
N LEU B 84 -0.25 -5.64 20.77
CA LEU B 84 -1.53 -5.15 21.28
C LEU B 84 -2.61 -5.40 20.23
N ASP B 85 -3.66 -6.11 20.63
CA ASP B 85 -4.80 -6.41 19.76
C ASP B 85 -5.93 -5.46 20.13
N CYS B 86 -6.26 -4.55 19.22
CA CYS B 86 -7.29 -3.54 19.43
C CYS B 86 -8.59 -3.97 18.75
N GLY B 87 -9.70 -3.88 19.48
CA GLY B 87 -10.95 -4.46 19.02
C GLY B 87 -10.91 -5.97 19.02
N ALA B 88 -10.21 -6.54 20.00
CA ALA B 88 -9.87 -7.96 19.98
C ALA B 88 -11.08 -8.86 20.06
N GLY B 89 -12.21 -8.34 20.52
CA GLY B 89 -13.39 -9.18 20.69
C GLY B 89 -13.09 -10.37 21.58
N ILE B 90 -13.51 -11.55 21.14
CA ILE B 90 -13.23 -12.77 21.89
C ILE B 90 -11.83 -13.31 21.66
N GLY B 91 -11.02 -12.63 20.84
CA GLY B 91 -9.65 -13.03 20.60
C GLY B 91 -9.43 -13.87 19.37
N ARG B 92 -10.23 -13.69 18.32
CA ARG B 92 -10.07 -14.46 17.08
C ARG B 92 -8.68 -14.26 16.49
N ILE B 93 -8.22 -13.00 16.40
CA ILE B 93 -6.90 -12.73 15.86
C ILE B 93 -5.82 -13.07 16.88
N THR B 94 -6.06 -12.78 18.16
CA THR B 94 -5.06 -13.06 19.18
C THR B 94 -4.68 -14.54 19.19
N LYS B 95 -5.67 -15.42 18.99
CA LYS B 95 -5.43 -16.85 19.06
C LYS B 95 -4.64 -17.35 17.85
N ARG B 96 -5.05 -16.96 16.64
CA ARG B 96 -4.49 -17.55 15.43
C ARG B 96 -3.39 -16.72 14.78
N LEU B 97 -3.34 -15.41 15.02
CA LEU B 97 -2.31 -14.58 14.43
C LEU B 97 -1.23 -14.15 15.42
N LEU B 98 -1.63 -13.57 16.56
CA LEU B 98 -0.65 -12.91 17.42
C LEU B 98 0.06 -13.89 18.36
N LEU B 99 -0.70 -14.67 19.14
CA LEU B 99 -0.11 -15.60 20.10
C LEU B 99 0.92 -16.55 19.48
N PRO B 100 0.75 -17.07 18.26
CA PRO B 100 1.83 -17.91 17.69
C PRO B 100 3.08 -17.14 17.32
N LEU B 101 3.02 -15.81 17.18
CA LEU B 101 4.19 -15.04 16.75
C LEU B 101 4.83 -14.16 17.81
N PHE B 102 4.11 -13.82 18.87
CA PHE B 102 4.60 -12.89 19.89
C PHE B 102 4.57 -13.57 21.26
N ARG B 103 5.61 -13.32 22.05
CA ARG B 103 5.68 -13.92 23.39
C ARG B 103 4.52 -13.44 24.27
N GLU B 104 4.16 -12.17 24.16
CA GLU B 104 3.09 -11.60 24.98
C GLU B 104 2.13 -10.84 24.08
N VAL B 105 0.86 -10.78 24.48
CA VAL B 105 -0.16 -10.03 23.74
C VAL B 105 -1.07 -9.37 24.76
N ASP B 106 -1.41 -8.11 24.51
CA ASP B 106 -2.46 -7.43 25.25
C ASP B 106 -3.69 -7.29 24.36
N MET B 107 -4.86 -7.31 24.99
CA MET B 107 -6.12 -7.16 24.29
C MET B 107 -6.90 -6.01 24.92
N VAL B 108 -7.60 -5.26 24.07
CA VAL B 108 -8.46 -4.17 24.51
C VAL B 108 -9.76 -4.26 23.71
N ASP B 109 -10.88 -4.19 24.40
CA ASP B 109 -12.20 -4.27 23.77
C ASP B 109 -13.19 -3.62 24.72
N ILE B 110 -14.22 -3.00 24.15
CA ILE B 110 -15.22 -2.28 24.94
C ILE B 110 -16.31 -3.19 25.50
N THR B 111 -16.43 -4.42 25.00
CA THR B 111 -17.51 -5.32 25.37
C THR B 111 -16.97 -6.33 26.38
N GLU B 112 -17.34 -6.15 27.65
CA GLU B 112 -16.76 -6.93 28.74
C GLU B 112 -16.95 -8.42 28.54
N ASP B 113 -18.15 -8.83 28.09
CA ASP B 113 -18.44 -10.25 27.91
C ASP B 113 -17.57 -10.88 26.82
N PHE B 114 -17.07 -10.08 25.87
CA PHE B 114 -16.17 -10.65 24.87
C PHE B 114 -14.82 -10.99 25.50
N LEU B 115 -14.31 -10.10 26.36
CA LEU B 115 -13.06 -10.40 27.05
C LEU B 115 -13.24 -11.57 28.02
N VAL B 116 -14.41 -11.67 28.64
CA VAL B 116 -14.72 -12.83 29.47
C VAL B 116 -14.64 -14.11 28.64
N GLN B 117 -15.32 -14.12 27.49
CA GLN B 117 -15.31 -15.31 26.64
C GLN B 117 -13.92 -15.62 26.12
N ALA B 118 -13.09 -14.58 25.91
CA ALA B 118 -11.74 -14.79 25.43
C ALA B 118 -10.96 -15.75 26.31
N LYS B 119 -11.23 -15.75 27.62
CA LYS B 119 -10.53 -16.64 28.52
CA LYS B 119 -10.53 -16.64 28.52
C LYS B 119 -10.81 -18.10 28.19
N THR B 120 -12.05 -18.42 27.84
CA THR B 120 -12.36 -19.78 27.37
C THR B 120 -11.88 -19.99 25.94
N TYR B 121 -12.20 -19.02 25.06
CA TYR B 121 -11.91 -19.19 23.63
C TYR B 121 -10.43 -19.43 23.37
N LEU B 122 -9.57 -18.67 24.05
CA LEU B 122 -8.14 -18.78 23.78
C LEU B 122 -7.57 -20.12 24.22
N GLY B 123 -8.08 -20.69 25.30
CA GLY B 123 -7.56 -21.96 25.78
C GLY B 123 -6.29 -21.84 26.59
N GLU B 124 -5.31 -22.73 26.36
CA GLU B 124 -4.14 -22.78 27.22
C GLU B 124 -3.08 -21.74 26.88
N GLU B 125 -2.93 -21.36 25.59
CA GLU B 125 -1.96 -20.33 25.24
C GLU B 125 -2.46 -18.92 25.47
N GLY B 126 -3.76 -18.74 25.76
CA GLY B 126 -4.20 -17.45 26.23
C GLY B 126 -3.56 -17.06 27.55
N LYS B 127 -2.90 -18.02 28.20
CA LYS B 127 -2.11 -17.71 29.37
C LYS B 127 -1.02 -16.69 29.07
N ARG B 128 -0.62 -16.57 27.80
CA ARG B 128 0.35 -15.55 27.39
C ARG B 128 -0.30 -14.23 27.01
N VAL B 129 -1.58 -14.02 27.33
CA VAL B 129 -2.22 -12.71 27.26
C VAL B 129 -1.98 -12.02 28.60
N ARG B 130 -1.25 -10.91 28.54
CA ARG B 130 -0.74 -10.26 29.74
C ARG B 130 -1.78 -9.35 30.38
N ASN B 131 -2.47 -8.55 29.56
CA ASN B 131 -3.40 -7.55 30.08
C ASN B 131 -4.66 -7.54 29.24
N TYR B 132 -5.81 -7.58 29.91
CA TYR B 132 -7.10 -7.35 29.29
C TYR B 132 -7.53 -5.94 29.67
N PHE B 133 -7.99 -5.17 28.69
CA PHE B 133 -8.46 -3.81 28.94
C PHE B 133 -9.86 -3.70 28.38
N CYS B 134 -10.82 -3.39 29.24
CA CYS B 134 -12.18 -3.16 28.83
C CYS B 134 -12.44 -1.67 28.92
N CYS B 135 -12.43 -1.01 27.77
CA CYS B 135 -12.67 0.41 27.58
C CYS B 135 -12.61 0.67 26.09
N GLY B 136 -13.17 1.78 25.66
CA GLY B 136 -13.11 2.14 24.27
C GLY B 136 -11.72 2.60 23.88
N LEU B 137 -11.40 2.42 22.60
CA LEU B 137 -10.14 2.93 22.07
C LEU B 137 -10.00 4.42 22.34
N GLN B 138 -11.12 5.14 22.33
CA GLN B 138 -11.10 6.58 22.61
C GLN B 138 -10.67 6.88 24.04
N ASP B 139 -10.65 5.89 24.92
CA ASP B 139 -10.19 6.05 26.29
C ASP B 139 -8.89 5.32 26.58
N PHE B 140 -8.32 4.62 25.60
CA PHE B 140 -7.20 3.73 25.86
C PHE B 140 -5.88 4.44 25.58
N THR B 141 -5.00 4.44 26.58
CA THR B 141 -3.68 5.07 26.49
C THR B 141 -2.58 4.06 26.82
N PRO B 142 -1.98 3.43 25.82
CA PRO B 142 -0.89 2.48 26.10
C PRO B 142 0.37 3.19 26.58
N GLU B 143 1.25 2.42 27.24
CA GLU B 143 2.47 2.97 27.84
C GLU B 143 3.58 3.11 26.80
N PRO B 144 4.51 4.04 27.01
CA PRO B 144 5.63 4.21 26.08
C PRO B 144 6.49 2.95 25.97
N ASP B 145 7.03 2.72 24.77
CA ASP B 145 7.99 1.63 24.49
C ASP B 145 7.42 0.28 24.89
N SER B 146 6.15 0.04 24.56
CA SER B 146 5.45 -1.10 25.10
C SER B 146 5.20 -2.22 24.09
N TYR B 147 5.04 -1.90 22.80
CA TYR B 147 4.63 -2.91 21.83
C TYR B 147 5.52 -2.91 20.60
N ASP B 148 5.77 -4.10 20.07
CA ASP B 148 6.38 -4.24 18.75
C ASP B 148 5.33 -4.09 17.65
N VAL B 149 4.15 -4.68 17.83
CA VAL B 149 3.07 -4.61 16.85
C VAL B 149 1.76 -4.22 17.53
N ILE B 150 1.11 -3.19 17.01
CA ILE B 150 -0.24 -2.79 17.42
C ILE B 150 -1.18 -3.15 16.28
N TRP B 151 -2.06 -4.13 16.50
CA TRP B 151 -2.95 -4.66 15.48
C TRP B 151 -4.36 -4.09 15.66
N ILE B 152 -4.86 -3.42 14.63
CA ILE B 152 -6.14 -2.72 14.66
C ILE B 152 -6.96 -3.21 13.49
N GLN B 153 -7.95 -4.07 13.73
CA GLN B 153 -8.72 -4.65 12.64
C GLN B 153 -10.22 -4.52 12.89
N TRP B 154 -10.93 -3.94 11.91
CA TRP B 154 -12.38 -3.82 11.89
C TRP B 154 -12.93 -3.18 13.16
N VAL B 155 -12.32 -2.08 13.58
CA VAL B 155 -12.81 -1.34 14.74
C VAL B 155 -12.73 0.17 14.52
N ILE B 156 -11.95 0.61 13.53
CA ILE B 156 -11.74 2.06 13.37
C ILE B 156 -13.04 2.77 12.99
N GLY B 157 -13.94 2.09 12.31
CA GLY B 157 -15.22 2.69 11.94
C GLY B 157 -16.09 3.06 13.13
N HIS B 158 -15.76 2.55 14.31
CA HIS B 158 -16.46 2.87 15.56
C HIS B 158 -15.91 4.10 16.26
N LEU B 159 -14.90 4.77 15.71
CA LEU B 159 -14.38 5.98 16.33
C LEU B 159 -14.66 7.18 15.43
N THR B 160 -14.82 8.35 16.06
CA THR B 160 -14.87 9.59 15.32
C THR B 160 -13.50 9.86 14.68
N ASP B 161 -13.50 10.75 13.68
CA ASP B 161 -12.24 11.04 12.99
C ASP B 161 -11.20 11.61 13.96
N GLN B 162 -11.63 12.50 14.86
CA GLN B 162 -10.66 13.09 15.79
C GLN B 162 -10.19 12.07 16.81
N HIS B 163 -11.09 11.23 17.33
CA HIS B 163 -10.67 10.23 18.29
C HIS B 163 -9.77 9.18 17.65
N LEU B 164 -10.03 8.83 16.39
CA LEU B 164 -9.12 7.94 15.66
C LEU B 164 -7.74 8.57 15.53
N ALA B 165 -7.68 9.86 15.18
CA ALA B 165 -6.39 10.52 15.02
C ALA B 165 -5.61 10.55 16.33
N GLU B 166 -6.30 10.84 17.44
CA GLU B 166 -5.65 10.90 18.73
C GLU B 166 -5.28 9.50 19.23
N PHE B 167 -6.13 8.50 18.95
CA PHE B 167 -5.78 7.13 19.34
C PHE B 167 -4.52 6.66 18.62
N LEU B 168 -4.40 6.95 17.32
CA LEU B 168 -3.24 6.48 16.57
C LEU B 168 -1.96 7.17 17.04
N ARG B 169 -2.05 8.45 17.42
CA ARG B 169 -0.87 9.12 17.95
C ARG B 169 -0.49 8.57 19.32
N ARG B 170 -1.47 8.24 20.17
CA ARG B 170 -1.12 7.55 21.40
C ARG B 170 -0.53 6.18 21.10
N CYS B 171 -0.99 5.54 20.02
CA CYS B 171 -0.37 4.29 19.61
C CYS B 171 1.05 4.51 19.13
N LYS B 172 1.30 5.64 18.44
CA LYS B 172 2.64 5.90 17.94
C LYS B 172 3.65 5.97 19.07
N GLY B 173 3.29 6.66 20.16
CA GLY B 173 4.20 6.78 21.29
C GLY B 173 4.42 5.49 22.07
N SER B 174 3.52 4.52 21.93
CA SER B 174 3.67 3.25 22.64
C SER B 174 4.54 2.25 21.90
N LEU B 175 4.96 2.54 20.67
CA LEU B 175 5.69 1.56 19.88
C LEU B 175 7.13 1.43 20.33
N ARG B 176 7.65 0.22 20.30
CA ARG B 176 9.07 0.05 20.45
C ARG B 176 9.78 0.43 19.14
N PRO B 177 11.08 0.73 19.20
CA PRO B 177 11.81 1.03 17.96
C PRO B 177 11.67 -0.08 16.95
N ASN B 178 11.46 0.32 15.69
CA ASN B 178 11.17 -0.56 14.56
C ASN B 178 9.83 -1.27 14.72
N GLY B 179 9.01 -0.86 15.68
CA GLY B 179 7.68 -1.42 15.79
C GLY B 179 6.76 -0.87 14.73
N ILE B 180 5.63 -1.56 14.51
CA ILE B 180 4.66 -1.12 13.50
C ILE B 180 3.26 -1.21 14.06
N ILE B 181 2.38 -0.36 13.52
CA ILE B 181 0.94 -0.42 13.72
C ILE B 181 0.32 -0.95 12.44
N VAL B 182 -0.55 -1.95 12.55
CA VAL B 182 -1.25 -2.49 11.39
C VAL B 182 -2.74 -2.19 11.53
N ILE B 183 -3.28 -1.48 10.55
CA ILE B 183 -4.70 -1.24 10.40
C ILE B 183 -5.19 -2.12 9.26
N LYS B 184 -6.13 -3.01 9.54
CA LYS B 184 -6.81 -3.77 8.52
C LYS B 184 -8.30 -3.56 8.68
N ASP B 185 -8.96 -2.98 7.68
CA ASP B 185 -10.34 -2.57 7.88
C ASP B 185 -11.04 -2.40 6.54
N ASN B 186 -12.36 -2.19 6.62
CA ASN B 186 -13.16 -1.93 5.43
C ASN B 186 -12.88 -0.55 4.87
N MET B 187 -12.86 -0.46 3.54
CA MET B 187 -12.66 0.80 2.83
C MET B 187 -13.74 0.95 1.78
N ALA B 188 -14.40 2.09 1.77
CA ALA B 188 -15.34 2.39 0.71
C ALA B 188 -14.58 2.80 -0.55
N GLN B 189 -15.17 2.49 -1.71
CA GLN B 189 -14.59 3.00 -2.94
C GLN B 189 -14.63 4.53 -2.95
N GLU B 190 -15.69 5.09 -2.39
CA GLU B 190 -15.91 6.53 -2.39
C GLU B 190 -16.66 7.00 -1.14
N GLY B 191 -16.21 8.13 -0.60
CA GLY B 191 -16.89 8.87 0.43
C GLY B 191 -16.83 8.26 1.82
N VAL B 192 -17.84 8.61 2.62
CA VAL B 192 -17.99 8.12 3.99
C VAL B 192 -19.44 7.68 4.13
N ILE B 193 -19.66 6.48 4.64
CA ILE B 193 -20.99 5.90 4.73
C ILE B 193 -21.26 5.54 6.19
N LEU B 194 -22.30 6.15 6.76
CA LEU B 194 -22.71 5.81 8.11
C LEU B 194 -23.46 4.49 8.10
N ASP B 195 -23.12 3.60 9.02
CA ASP B 195 -23.95 2.44 9.32
C ASP B 195 -24.69 2.79 10.60
N ASP B 196 -25.96 3.18 10.47
CA ASP B 196 -26.77 3.54 11.63
CA ASP B 196 -26.74 3.54 11.64
C ASP B 196 -27.11 2.32 12.48
N VAL B 197 -27.14 1.13 11.87
CA VAL B 197 -27.54 -0.08 12.59
C VAL B 197 -26.54 -0.38 13.72
N ASP B 198 -25.29 -0.66 13.38
CA ASP B 198 -24.27 -0.95 14.38
C ASP B 198 -23.49 0.29 14.83
N SER B 199 -23.85 1.47 14.32
CA SER B 199 -23.24 2.75 14.72
C SER B 199 -21.75 2.79 14.39
N SER B 200 -21.46 2.70 13.10
CA SER B 200 -20.08 2.72 12.62
C SER B 200 -20.06 3.43 11.27
N VAL B 201 -18.88 3.90 10.89
CA VAL B 201 -18.72 4.55 9.59
C VAL B 201 -17.71 3.76 8.78
N CYS B 202 -17.94 3.73 7.47
CA CYS B 202 -17.00 3.14 6.52
C CYS B 202 -16.38 4.27 5.73
N ARG B 203 -15.06 4.34 5.72
CA ARG B 203 -14.36 5.45 5.09
C ARG B 203 -13.65 4.99 3.82
N ASP B 204 -13.48 5.92 2.89
CA ASP B 204 -12.68 5.64 1.71
C ASP B 204 -11.20 5.89 2.02
N LEU B 205 -10.33 5.51 1.07
CA LEU B 205 -8.88 5.55 1.31
C LEU B 205 -8.40 6.96 1.61
N ASP B 206 -8.92 7.98 0.92
CA ASP B 206 -8.42 9.33 1.11
C ASP B 206 -8.68 9.85 2.51
N VAL B 207 -9.87 9.56 3.05
CA VAL B 207 -10.20 10.00 4.40
C VAL B 207 -9.35 9.27 5.43
N VAL B 208 -9.19 7.95 5.26
CA VAL B 208 -8.39 7.17 6.19
C VAL B 208 -6.93 7.63 6.15
N ARG B 209 -6.40 7.86 4.95
CA ARG B 209 -5.00 8.29 4.82
C ARG B 209 -4.76 9.64 5.48
N ARG B 210 -5.70 10.57 5.34
CA ARG B 210 -5.55 11.87 5.97
C ARG B 210 -5.56 11.77 7.50
N ILE B 211 -6.31 10.83 8.05
CA ILE B 211 -6.29 10.61 9.50
C ILE B 211 -4.98 9.96 9.92
N ILE B 212 -4.48 9.01 9.11
CA ILE B 212 -3.22 8.35 9.46
C ILE B 212 -2.08 9.36 9.47
N CYS B 213 -1.96 10.16 8.40
CA CYS B 213 -0.97 11.23 8.38
CA CYS B 213 -0.96 11.22 8.39
C CYS B 213 -1.22 12.24 9.49
N SER B 214 -2.47 12.35 9.94
CA SER B 214 -2.83 13.21 11.07
C SER B 214 -2.19 12.76 12.36
N ALA B 215 -2.01 11.46 12.52
CA ALA B 215 -1.35 10.88 13.68
C ALA B 215 0.16 10.95 13.61
N GLY B 216 0.71 11.49 12.52
CA GLY B 216 2.16 11.56 12.39
C GLY B 216 2.80 10.26 11.98
N LEU B 217 2.05 9.37 11.36
CA LEU B 217 2.52 8.05 10.96
C LEU B 217 2.92 8.02 9.48
N SER B 218 3.84 7.12 9.17
CA SER B 218 4.33 6.91 7.81
C SER B 218 3.85 5.55 7.30
N LEU B 219 3.56 5.50 6.01
CA LEU B 219 3.07 4.29 5.38
C LEU B 219 4.26 3.43 4.97
N LEU B 220 4.30 2.19 5.45
CA LEU B 220 5.36 1.25 5.09
C LEU B 220 4.89 0.22 4.07
N ALA B 221 3.66 -0.26 4.18
CA ALA B 221 3.13 -1.23 3.23
C ALA B 221 1.62 -1.12 3.21
N GLU B 222 1.03 -1.33 2.03
CA GLU B 222 -0.41 -1.38 1.86
C GLU B 222 -0.76 -2.60 1.02
N GLU B 223 -1.92 -3.19 1.30
CA GLU B 223 -2.31 -4.39 0.59
C GLU B 223 -3.82 -4.57 0.66
N ARG B 224 -4.44 -4.78 -0.50
CA ARG B 224 -5.88 -5.05 -0.59
C ARG B 224 -6.13 -6.55 -0.49
N GLN B 225 -7.04 -6.92 0.41
CA GLN B 225 -7.37 -8.31 0.68
C GLN B 225 -8.19 -8.95 -0.43
N GLU B 226 -7.79 -10.15 -0.87
CA GLU B 226 -8.52 -10.91 -1.88
C GLU B 226 -9.17 -12.17 -1.30
N ASN B 227 -9.91 -12.86 -2.17
CA ASN B 227 -10.67 -14.08 -1.85
C ASN B 227 -11.80 -13.80 -0.85
N LEU B 228 -12.32 -12.60 -0.87
CA LEU B 228 -13.47 -12.25 -0.06
C LEU B 228 -14.71 -12.20 -0.93
N PRO B 229 -15.90 -12.37 -0.36
CA PRO B 229 -17.13 -12.34 -1.16
C PRO B 229 -17.34 -10.99 -1.86
N ASP B 230 -17.96 -11.04 -3.04
CA ASP B 230 -18.14 -9.84 -3.87
C ASP B 230 -19.02 -8.78 -3.21
N GLU B 231 -20.00 -9.18 -2.39
CA GLU B 231 -20.96 -8.20 -1.91
C GLU B 231 -20.42 -7.27 -0.83
N ILE B 232 -19.26 -7.54 -0.27
CA ILE B 232 -18.78 -6.82 0.91
C ILE B 232 -17.85 -5.68 0.50
N TYR B 233 -17.59 -4.77 1.43
CA TYR B 233 -16.64 -3.70 1.19
C TYR B 233 -15.25 -4.25 0.99
N HIS B 234 -14.44 -3.51 0.22
CA HIS B 234 -13.03 -3.85 0.08
C HIS B 234 -12.31 -3.71 1.41
N VAL B 235 -11.35 -4.60 1.64
CA VAL B 235 -10.55 -4.63 2.86
C VAL B 235 -9.10 -4.34 2.49
N TYR B 236 -8.47 -3.44 3.24
CA TYR B 236 -7.07 -3.05 3.04
C TYR B 236 -6.32 -3.20 4.35
N SER B 237 -5.04 -3.54 4.24
CA SER B 237 -4.13 -3.65 5.37
C SER B 237 -3.07 -2.58 5.23
N PHE B 238 -2.82 -1.83 6.31
CA PHE B 238 -1.80 -0.79 6.31
C PHE B 238 -0.76 -1.10 7.36
N ALA B 239 0.51 -0.96 7.00
CA ALA B 239 1.63 -1.06 7.93
C ALA B 239 2.18 0.34 8.15
N LEU B 240 2.15 0.80 9.39
CA LEU B 240 2.45 2.18 9.72
C LEU B 240 3.46 2.23 10.86
N ARG B 241 4.19 3.35 10.91
CA ARG B 241 5.01 3.71 12.07
C ARG B 241 5.40 5.19 11.99
#